data_4JFH
#
_entry.id   4JFH
#
_cell.length_a   97.140
_cell.length_b   97.140
_cell.length_c   123.080
_cell.angle_alpha   90.000
_cell.angle_beta   90.000
_cell.angle_gamma   120.000
#
_symmetry.space_group_name_H-M   'P 32 2 1'
#
loop_
_entity.id
_entity.type
_entity.pdbx_description
1 polymer 'alpha24 TCR allele'
2 polymer 'beta17 TCR allele'
3 non-polymer 1,2-ETHANEDIOL
4 non-polymer GLYCEROL
5 non-polymer 'SULFATE ION'
6 water water
#
loop_
_entity_poly.entity_id
_entity_poly.type
_entity_poly.pdbx_seq_one_letter_code
_entity_poly.pdbx_strand_id
1 'polypeptide(L)'
;QKEVEQNSGPLSVPEGAIASLNCTYSFLGSQSFFWYRQYSGKSPELIMFTYREGDKEDGRFTAQLNKASQHVSLLIRDSQ
PSDSATYLCAVNDGGRLTFGDGTTLTVKPNIQNPDPAVYQLRDSKSSDKSVCLFTDFDSQTNVSQSKDSDVYITDKCVLD
MRSMDFKSNSAVAWSNKSDFACANAFNNSIIPEDTFFPSP
;
D
2 'polypeptide(L)'
;SQTIHQWPATLVQPVGSPLSLECTVEGTSNPNLYWYRQAAGRGPQLLFYWGPFGQISSEVPQNLSASRPQDRQFILSSKK
LLLSDSGFYLCAWSETGLGMGGWQFGEGSRLTVLEDLKNVFPPEVAVFEPSEAEISHTQKATLVCLATGFYPDHVELSWW
VNGKEVHSGVCTDPQPLKEQPALNDSRYALSSRLRVSATFWQDPRNHFRCQVQFYGLSENDEWTQDRAKPVTQIVSAEAW
GRAD
;
E
#
# COMPACT_ATOMS: atom_id res chain seq x y z
N GLN A 1 22.16 -4.44 3.55
CA GLN A 1 22.45 -4.78 2.11
C GLN A 1 23.59 -3.84 1.51
N LYS A 2 24.75 -4.45 1.17
CA LYS A 2 25.90 -3.68 0.63
C LYS A 2 26.28 -3.98 -0.85
N GLU A 3 25.86 -5.14 -1.38
CA GLU A 3 26.17 -5.47 -2.82
C GLU A 3 25.43 -4.56 -3.84
N VAL A 4 24.24 -4.11 -3.46
CA VAL A 4 23.46 -3.24 -4.31
C VAL A 4 22.91 -2.15 -3.43
N GLU A 5 23.30 -0.90 -3.70
CA GLU A 5 22.87 0.22 -2.87
C GLU A 5 22.17 1.31 -3.61
N GLN A 6 21.10 1.79 -3.00
CA GLN A 6 20.37 2.89 -3.49
C GLN A 6 20.44 3.91 -2.37
N ASN A 7 21.57 4.58 -2.30
CA ASN A 7 21.83 5.59 -1.26
C ASN A 7 21.34 6.95 -1.70
N SER A 8 20.07 7.17 -1.49
CA SER A 8 19.44 8.38 -1.84
C SER A 8 18.31 8.66 -0.83
N GLY A 9 17.99 9.92 -0.64
CA GLY A 9 16.88 10.28 0.24
C GLY A 9 15.59 10.17 -0.54
N PRO A 10 14.45 10.43 0.11
CA PRO A 10 13.19 10.38 -0.58
C PRO A 10 13.07 11.54 -1.63
N LEU A 11 12.64 11.19 -2.84
CA LEU A 11 12.53 12.13 -3.90
C LEU A 11 11.13 12.64 -4.02
N SER A 12 10.99 13.83 -4.61
CA SER A 12 9.70 14.46 -4.80
C SER A 12 9.75 15.44 -5.90
N VAL A 13 8.81 15.33 -6.83
CA VAL A 13 8.72 16.25 -7.95
C VAL A 13 7.26 16.61 -8.29
N PRO A 14 7.07 17.75 -8.94
CA PRO A 14 5.73 18.09 -9.36
C PRO A 14 5.39 17.35 -10.64
N GLU A 15 4.11 17.08 -10.84
CA GLU A 15 3.64 16.40 -12.05
C GLU A 15 4.18 17.04 -13.32
N GLY A 16 4.73 16.22 -14.20
CA GLY A 16 5.27 16.70 -15.47
C GLY A 16 6.79 16.87 -15.49
N ALA A 17 7.41 16.86 -14.33
CA ALA A 17 8.87 17.01 -14.24
C ALA A 17 9.61 15.69 -14.42
N ILE A 18 10.91 15.79 -14.54
CA ILE A 18 11.76 14.65 -14.69
C ILE A 18 12.32 14.23 -13.32
N ALA A 19 12.37 12.94 -13.05
CA ALA A 19 12.92 12.43 -11.81
C ALA A 19 13.98 11.45 -12.15
N SER A 20 14.99 11.30 -11.29
CA SER A 20 16.05 10.38 -11.59
C SER A 20 16.46 9.53 -10.36
N LEU A 21 16.46 8.20 -10.54
CA LEU A 21 16.80 7.26 -9.47
C LEU A 21 18.18 6.68 -9.69
N ASN A 22 18.97 6.59 -8.62
CA ASN A 22 20.36 6.09 -8.71
C ASN A 22 20.58 4.77 -8.02
N CYS A 23 21.56 4.02 -8.49
CA CYS A 23 21.90 2.70 -7.94
C CYS A 23 23.34 2.34 -8.23
N THR A 24 24.02 1.73 -7.24
CA THR A 24 25.39 1.27 -7.40
C THR A 24 25.47 -0.22 -7.10
N TYR A 25 26.30 -0.95 -7.83
CA TYR A 25 26.46 -2.38 -7.61
C TYR A 25 27.94 -2.71 -7.43
N SER A 26 28.23 -3.78 -6.68
CA SER A 26 29.64 -4.13 -6.33
C SER A 26 30.38 -5.06 -7.25
N PHE A 27 29.70 -6.00 -7.89
CA PHE A 27 30.39 -6.97 -8.77
C PHE A 27 30.40 -6.52 -10.22
N LEU A 28 31.61 -6.35 -10.80
CA LEU A 28 31.73 -5.83 -12.20
C LEU A 28 31.33 -6.81 -13.23
N GLY A 29 31.33 -8.09 -12.87
CA GLY A 29 30.93 -9.14 -13.77
C GLY A 29 29.40 -9.35 -13.81
N SER A 30 28.65 -8.51 -13.07
CA SER A 30 27.19 -8.61 -13.06
C SER A 30 26.69 -8.57 -14.53
N GLN A 31 25.72 -9.43 -14.85
CA GLN A 31 25.23 -9.54 -16.22
C GLN A 31 24.04 -8.66 -16.59
N SER A 32 23.05 -8.52 -15.73
CA SER A 32 21.88 -7.69 -16.10
C SER A 32 21.35 -6.89 -14.95
N PHE A 33 20.59 -5.86 -15.27
CA PHE A 33 20.16 -4.89 -14.31
C PHE A 33 18.69 -4.59 -14.45
N PHE A 34 18.01 -4.43 -13.32
CA PHE A 34 16.57 -4.30 -13.30
C PHE A 34 16.05 -3.15 -12.43
N TRP A 35 14.91 -2.62 -12.82
CA TRP A 35 14.20 -1.62 -12.02
C TRP A 35 12.79 -2.11 -11.79
N TYR A 36 12.37 -2.10 -10.54
CA TYR A 36 11.04 -2.47 -10.19
C TYR A 36 10.38 -1.33 -9.51
N ARG A 37 9.09 -1.32 -9.57
CA ARG A 37 8.29 -0.35 -8.95
C ARG A 37 7.43 -1.10 -7.95
N GLN A 38 7.20 -0.52 -6.79
CA GLN A 38 6.41 -1.17 -5.77
C GLN A 38 5.54 -0.19 -5.05
N TYR A 39 4.23 -0.44 -5.04
CA TYR A 39 3.28 0.40 -4.34
C TYR A 39 3.06 -0.16 -2.95
N SER A 40 2.60 0.69 -2.03
CA SER A 40 2.33 0.25 -0.65
C SER A 40 1.37 -0.93 -0.63
N GLY A 41 1.76 -1.96 0.10
CA GLY A 41 0.93 -3.15 0.25
C GLY A 41 0.98 -4.16 -0.90
N LYS A 42 1.85 -3.93 -1.91
CA LYS A 42 1.92 -4.82 -3.09
C LYS A 42 3.30 -5.37 -3.33
N SER A 43 3.38 -6.37 -4.21
CA SER A 43 4.66 -6.92 -4.60
C SER A 43 5.24 -6.02 -5.66
N PRO A 44 6.52 -6.12 -5.88
CA PRO A 44 7.16 -5.29 -6.82
C PRO A 44 6.80 -5.64 -8.27
N GLU A 45 6.68 -4.62 -9.14
CA GLU A 45 6.38 -4.84 -10.60
C GLU A 45 7.58 -4.48 -11.41
N LEU A 46 7.90 -5.29 -12.39
CA LEU A 46 9.05 -5.01 -13.26
C LEU A 46 8.80 -3.84 -14.24
N ILE A 47 9.69 -2.85 -14.21
CA ILE A 47 9.60 -1.72 -15.14
C ILE A 47 10.43 -2.03 -16.35
N MET A 48 11.72 -2.30 -16.14
CA MET A 48 12.66 -2.58 -17.23
C MET A 48 13.82 -3.34 -16.74
N PHE A 49 14.60 -3.84 -17.70
CA PHE A 49 15.85 -4.47 -17.44
C PHE A 49 16.79 -3.99 -18.56
N THR A 50 18.08 -4.10 -18.35
CA THR A 50 19.04 -3.71 -19.34
C THR A 50 20.34 -4.46 -19.09
N TYR A 51 21.07 -4.81 -20.18
CA TYR A 51 22.37 -5.50 -20.05
C TYR A 51 23.48 -4.82 -20.85
N ARG A 52 23.14 -3.73 -21.55
CA ARG A 52 24.09 -3.01 -22.33
C ARG A 52 24.33 -1.61 -21.80
N GLU A 53 25.60 -1.17 -21.82
CA GLU A 53 25.93 0.16 -21.42
C GLU A 53 25.22 1.13 -22.28
N GLY A 54 24.83 2.24 -21.69
CA GLY A 54 24.17 3.28 -22.40
C GLY A 54 22.75 3.41 -21.95
N ASP A 55 21.92 3.92 -22.84
CA ASP A 55 20.55 4.16 -22.55
C ASP A 55 19.60 3.21 -23.23
N LYS A 56 18.64 2.71 -22.47
CA LYS A 56 17.59 1.91 -23.03
C LYS A 56 16.33 2.65 -22.69
N GLU A 57 15.62 3.09 -23.70
CA GLU A 57 14.44 3.87 -23.54
C GLU A 57 13.18 3.05 -23.81
N ASP A 58 12.18 3.19 -22.95
CA ASP A 58 10.92 2.49 -23.09
C ASP A 58 9.78 3.40 -22.58
N GLY A 59 9.08 4.05 -23.50
CA GLY A 59 8.02 4.98 -23.12
C GLY A 59 8.62 6.16 -22.36
N ARG A 60 8.10 6.43 -21.18
CA ARG A 60 8.60 7.55 -20.36
C ARG A 60 9.82 7.16 -19.51
N PHE A 61 10.29 5.93 -19.65
CA PHE A 61 11.41 5.45 -18.81
C PHE A 61 12.66 5.18 -19.58
N THR A 62 13.80 5.53 -18.97
CA THR A 62 15.10 5.31 -19.57
C THR A 62 16.04 4.70 -18.56
N ALA A 63 16.57 3.52 -18.86
CA ALA A 63 17.54 2.87 -17.98
C ALA A 63 18.97 3.20 -18.50
N GLN A 64 19.85 3.68 -17.62
CA GLN A 64 21.24 4.08 -18.00
C GLN A 64 22.24 3.24 -17.25
N LEU A 65 23.19 2.68 -17.95
CA LEU A 65 24.16 1.81 -17.33
C LEU A 65 25.58 2.15 -17.73
N ASN A 66 26.44 2.26 -16.71
CA ASN A 66 27.87 2.52 -16.87
C ASN A 66 28.57 1.41 -16.10
N LYS A 67 29.14 0.44 -16.84
CA LYS A 67 29.80 -0.73 -16.21
C LYS A 67 31.20 -0.45 -15.66
N ALA A 68 31.75 0.74 -15.94
CA ALA A 68 33.10 1.12 -15.41
C ALA A 68 32.93 1.70 -13.99
N SER A 69 32.00 2.65 -13.84
CA SER A 69 31.71 3.23 -12.55
C SER A 69 30.72 2.32 -11.75
N GLN A 70 30.08 1.39 -12.44
CA GLN A 70 29.12 0.45 -11.84
C GLN A 70 27.90 1.18 -11.27
N HIS A 71 27.28 1.99 -12.13
CA HIS A 71 26.09 2.76 -11.77
C HIS A 71 24.95 2.45 -12.71
N VAL A 72 23.75 2.38 -12.15
CA VAL A 72 22.57 2.17 -12.90
C VAL A 72 21.63 3.26 -12.51
N SER A 73 20.88 3.79 -13.47
CA SER A 73 19.92 4.84 -13.20
C SER A 73 18.66 4.64 -13.96
N LEU A 74 17.57 5.19 -13.42
CA LEU A 74 16.27 5.17 -14.06
C LEU A 74 15.82 6.62 -14.18
N LEU A 75 15.54 7.04 -15.38
CA LEU A 75 15.12 8.36 -15.64
C LEU A 75 13.63 8.31 -16.00
N ILE A 76 12.83 9.07 -15.26
CA ILE A 76 11.41 9.11 -15.50
C ILE A 76 11.02 10.48 -16.02
N ARG A 77 10.53 10.53 -17.26
CA ARG A 77 10.07 11.77 -17.86
C ARG A 77 8.57 11.98 -17.70
N ASP A 78 8.15 13.24 -17.70
CA ASP A 78 6.78 13.57 -17.64
C ASP A 78 6.12 12.76 -16.55
N SER A 79 6.66 12.87 -15.35
CA SER A 79 6.17 12.15 -14.21
C SER A 79 4.67 12.33 -13.98
N GLN A 80 4.04 11.26 -13.53
CA GLN A 80 2.63 11.26 -13.24
C GLN A 80 2.41 10.92 -11.79
N PRO A 81 1.32 11.41 -11.22
CA PRO A 81 1.00 11.07 -9.82
C PRO A 81 1.04 9.54 -9.58
N SER A 82 0.65 8.76 -10.58
CA SER A 82 0.64 7.34 -10.45
C SER A 82 2.11 6.73 -10.46
N ASP A 83 3.12 7.56 -10.73
CA ASP A 83 4.52 7.07 -10.66
C ASP A 83 4.97 7.07 -9.18
N SER A 84 4.13 7.61 -8.29
CA SER A 84 4.44 7.67 -6.86
C SER A 84 4.56 6.27 -6.32
N ALA A 85 5.78 5.88 -5.92
CA ALA A 85 6.03 4.54 -5.43
C ALA A 85 7.39 4.44 -4.89
N THR A 86 7.72 3.24 -4.41
CA THR A 86 9.06 2.93 -4.00
C THR A 86 9.72 2.25 -5.22
N TYR A 87 10.91 2.72 -5.64
CA TYR A 87 11.62 2.12 -6.78
C TYR A 87 12.79 1.26 -6.31
N LEU A 88 12.87 0.05 -6.85
CA LEU A 88 13.91 -0.90 -6.48
C LEU A 88 14.80 -1.23 -7.63
N CYS A 89 16.10 -1.24 -7.33
CA CYS A 89 17.11 -1.62 -8.27
C CYS A 89 17.51 -3.06 -7.94
N ALA A 90 17.79 -3.87 -8.96
CA ALA A 90 18.23 -5.28 -8.76
C ALA A 90 19.25 -5.66 -9.78
N VAL A 91 20.17 -6.53 -9.40
CA VAL A 91 21.25 -6.91 -10.24
C VAL A 91 21.35 -8.40 -10.27
N ASN A 92 21.49 -8.94 -11.48
CA ASN A 92 21.56 -10.37 -11.73
C ASN A 92 22.95 -10.84 -11.93
N ASP A 93 23.34 -11.84 -11.15
CA ASP A 93 24.63 -12.47 -11.30
C ASP A 93 24.41 -13.96 -11.27
N GLY A 94 24.50 -14.59 -12.46
CA GLY A 94 24.31 -16.05 -12.59
C GLY A 94 22.91 -16.52 -12.20
N GLY A 95 21.93 -15.64 -12.34
CA GLY A 95 20.58 -15.99 -12.02
C GLY A 95 20.16 -15.51 -10.65
N ARG A 96 21.11 -15.13 -9.84
CA ARG A 96 20.79 -14.62 -8.51
C ARG A 96 20.58 -13.09 -8.55
N LEU A 97 19.34 -12.68 -8.30
CA LEU A 97 19.00 -11.25 -8.20
C LEU A 97 19.25 -10.73 -6.82
N THR A 98 19.98 -9.62 -6.73
CA THR A 98 20.22 -8.96 -5.46
C THR A 98 19.61 -7.59 -5.57
N PHE A 99 18.77 -7.24 -4.60
CA PHE A 99 18.07 -5.98 -4.59
C PHE A 99 18.68 -4.92 -3.67
N GLY A 100 18.43 -3.65 -4.02
CA GLY A 100 18.82 -2.55 -3.17
C GLY A 100 17.66 -2.36 -2.18
N ASP A 101 17.77 -1.41 -1.27
CA ASP A 101 16.71 -1.19 -0.28
C ASP A 101 15.62 -0.23 -0.74
N GLY A 102 15.74 0.26 -1.93
CA GLY A 102 14.71 1.12 -2.51
C GLY A 102 14.80 2.62 -2.21
N THR A 103 14.12 3.41 -3.08
CA THR A 103 14.02 4.85 -2.95
C THR A 103 12.61 5.26 -3.28
N THR A 104 12.03 6.07 -2.44
CA THR A 104 10.70 6.54 -2.62
C THR A 104 10.62 7.78 -3.52
N LEU A 105 9.59 7.83 -4.33
CA LEU A 105 9.36 8.97 -5.20
C LEU A 105 7.91 9.35 -5.08
N THR A 106 7.66 10.64 -4.93
CA THR A 106 6.32 11.18 -4.84
C THR A 106 6.17 12.17 -5.93
N VAL A 107 5.11 12.06 -6.71
CA VAL A 107 4.86 13.00 -7.76
C VAL A 107 3.58 13.79 -7.41
N LYS A 108 3.74 15.08 -7.14
CA LYS A 108 2.61 15.94 -6.72
C LYS A 108 1.69 16.29 -7.88
N PRO A 109 0.40 16.09 -7.72
CA PRO A 109 -0.53 16.43 -8.81
C PRO A 109 -0.65 17.89 -9.00
N ASN A 110 -0.86 18.30 -10.22
CA ASN A 110 -1.05 19.66 -10.49
C ASN A 110 -2.55 19.97 -10.34
N ILE A 111 -2.89 20.83 -9.40
CA ILE A 111 -4.28 21.22 -9.18
C ILE A 111 -4.50 22.52 -9.91
N GLN A 112 -5.17 22.43 -11.03
CA GLN A 112 -5.39 23.55 -11.94
C GLN A 112 -6.31 24.67 -11.36
N ASN A 113 -7.32 24.29 -10.57
CA ASN A 113 -8.29 25.28 -10.00
C ASN A 113 -8.61 24.98 -8.55
N PRO A 114 -7.70 25.37 -7.64
CA PRO A 114 -7.83 25.10 -6.23
C PRO A 114 -8.97 25.79 -5.59
N ASP A 115 -9.47 25.23 -4.53
CA ASP A 115 -10.58 25.81 -3.82
C ASP A 115 -10.52 25.30 -2.38
N PRO A 116 -9.36 25.52 -1.72
CA PRO A 116 -9.16 25.03 -0.35
C PRO A 116 -10.36 25.36 0.56
N ALA A 117 -10.85 24.34 1.22
CA ALA A 117 -11.98 24.47 2.09
C ALA A 117 -11.96 23.40 3.20
N VAL A 118 -12.50 23.75 4.36
CA VAL A 118 -12.60 22.82 5.49
C VAL A 118 -14.10 22.63 5.83
N TYR A 119 -14.57 21.38 5.74
CA TYR A 119 -15.98 21.06 5.95
C TYR A 119 -16.18 20.10 7.09
N GLN A 120 -17.37 20.11 7.62
CA GLN A 120 -17.72 19.22 8.67
C GLN A 120 -18.71 18.24 8.17
N LEU A 121 -18.36 16.97 8.21
CA LEU A 121 -19.27 15.93 7.79
C LEU A 121 -20.04 15.51 9.00
N ARG A 122 -21.08 14.71 8.82
CA ARG A 122 -21.81 14.24 9.97
C ARG A 122 -21.92 12.71 9.97
N ASP A 123 -21.74 12.11 11.15
CA ASP A 123 -21.86 10.63 11.33
C ASP A 123 -23.20 10.17 10.92
N SER A 124 -23.28 8.90 10.47
CA SER A 124 -24.58 8.31 10.09
C SER A 124 -25.33 7.77 11.32
N LYS A 125 -25.15 8.44 12.48
CA LYS A 125 -25.87 8.10 13.74
C LYS A 125 -25.17 7.06 14.63
N SER A 126 -24.42 6.13 14.02
CA SER A 126 -23.81 4.99 14.78
C SER A 126 -22.31 5.10 15.26
N SER A 127 -21.79 6.31 15.42
CA SER A 127 -20.36 6.45 15.85
C SER A 127 -20.19 7.20 17.20
N ASP A 128 -20.21 8.53 17.14
CA ASP A 128 -20.02 9.44 18.31
C ASP A 128 -18.93 10.43 17.95
N LYS A 129 -18.25 10.14 16.86
CA LYS A 129 -17.20 11.00 16.35
C LYS A 129 -17.78 11.98 15.37
N SER A 130 -17.02 13.02 15.13
CA SER A 130 -17.37 14.00 14.15
C SER A 130 -16.14 14.06 13.26
N VAL A 131 -16.33 14.29 11.98
CA VAL A 131 -15.23 14.32 11.05
C VAL A 131 -15.11 15.66 10.29
N CYS A 132 -13.87 16.11 10.13
CA CYS A 132 -13.57 17.33 9.40
C CYS A 132 -12.73 16.97 8.15
N LEU A 133 -13.08 17.58 7.02
CA LEU A 133 -12.44 17.32 5.77
C LEU A 133 -11.80 18.59 5.18
N PHE A 134 -10.50 18.57 5.04
CA PHE A 134 -9.78 19.67 4.39
C PHE A 134 -9.53 19.19 2.95
N THR A 135 -10.19 19.84 2.00
CA THR A 135 -10.14 19.39 0.61
C THR A 135 -9.92 20.49 -0.45
N ASP A 136 -9.60 20.06 -1.65
CA ASP A 136 -9.40 20.94 -2.81
C ASP A 136 -8.23 21.90 -2.74
N PHE A 137 -7.28 21.68 -1.84
CA PHE A 137 -6.08 22.56 -1.78
C PHE A 137 -5.10 22.14 -2.85
N ASP A 138 -4.20 23.04 -3.25
CA ASP A 138 -3.24 22.68 -4.26
C ASP A 138 -2.10 21.92 -3.63
N SER A 139 -1.29 21.28 -4.45
CA SER A 139 -0.25 20.40 -3.93
C SER A 139 0.94 21.09 -3.19
N GLN A 140 1.04 22.42 -3.27
CA GLN A 140 2.12 23.13 -2.55
C GLN A 140 1.78 23.27 -1.05
N THR A 141 0.64 22.71 -0.63
CA THR A 141 0.23 22.78 0.76
C THR A 141 0.54 21.45 1.51
N ASN A 142 1.21 21.56 2.65
CA ASN A 142 1.57 20.40 3.46
C ASN A 142 0.71 20.32 4.71
N VAL A 143 0.11 19.16 4.94
CA VAL A 143 -0.73 18.95 6.11
C VAL A 143 0.04 18.28 7.21
N SER A 144 0.23 19.01 8.31
CA SER A 144 0.95 18.48 9.45
C SER A 144 0.03 17.70 10.35
N GLN A 145 0.60 16.89 11.21
CA GLN A 145 -0.17 16.10 12.15
C GLN A 145 -0.57 17.01 13.35
N SER A 146 -1.63 16.62 14.06
CA SER A 146 -2.11 17.43 15.20
C SER A 146 -1.30 17.20 16.47
N LYS A 147 -1.07 18.28 17.22
CA LYS A 147 -0.32 18.20 18.47
C LYS A 147 -1.09 17.38 19.50
N ASP A 148 -2.40 17.52 19.50
CA ASP A 148 -3.25 16.80 20.38
C ASP A 148 -3.27 15.32 19.94
N SER A 149 -2.79 14.43 20.80
CA SER A 149 -2.74 12.99 20.46
C SER A 149 -4.13 12.34 20.48
N ASP A 150 -5.18 13.14 20.71
CA ASP A 150 -6.56 12.64 20.72
C ASP A 150 -7.29 13.03 19.44
N VAL A 151 -6.56 13.67 18.52
CA VAL A 151 -7.11 14.04 17.23
C VAL A 151 -6.24 13.43 16.13
N TYR A 152 -6.89 12.70 15.22
CA TYR A 152 -6.17 12.00 14.17
C TYR A 152 -6.29 12.71 12.84
N ILE A 153 -5.20 12.74 12.10
CA ILE A 153 -5.19 13.37 10.81
C ILE A 153 -4.46 12.50 9.79
N THR A 154 -5.15 12.18 8.69
CA THR A 154 -4.60 11.38 7.59
C THR A 154 -4.27 12.32 6.46
N ASP A 155 -2.99 12.58 6.24
CA ASP A 155 -2.58 13.58 5.24
C ASP A 155 -2.98 13.28 3.81
N LYS A 156 -2.36 12.30 3.20
CA LYS A 156 -2.60 11.99 1.81
C LYS A 156 -3.08 10.58 1.59
N CYS A 157 -4.03 10.45 0.66
CA CYS A 157 -4.57 9.17 0.28
C CYS A 157 -4.12 8.83 -1.18
N VAL A 158 -4.36 7.58 -1.60
CA VAL A 158 -4.00 7.13 -2.94
C VAL A 158 -5.24 6.90 -3.81
N LEU A 159 -5.30 7.62 -4.94
CA LEU A 159 -6.40 7.49 -5.91
C LEU A 159 -6.45 6.06 -6.44
N ASP A 160 -7.65 5.47 -6.41
CA ASP A 160 -7.84 4.08 -6.89
C ASP A 160 -7.30 3.95 -8.34
N MET A 161 -6.69 2.82 -8.64
CA MET A 161 -6.11 2.58 -9.96
C MET A 161 -7.12 2.75 -11.10
N ARG A 162 -8.31 2.13 -10.97
CA ARG A 162 -9.35 2.18 -12.03
C ARG A 162 -10.21 3.46 -12.01
N SER A 163 -9.76 4.50 -11.29
CA SER A 163 -10.51 5.76 -11.22
C SER A 163 -10.43 6.53 -12.55
N MET A 164 -11.59 6.89 -13.10
CA MET A 164 -11.66 7.61 -14.36
C MET A 164 -11.79 9.13 -14.11
N ASP A 165 -12.06 9.50 -12.84
CA ASP A 165 -12.23 10.93 -12.46
C ASP A 165 -10.93 11.56 -11.95
N PHE A 166 -10.82 12.88 -12.12
CA PHE A 166 -9.63 13.62 -11.69
C PHE A 166 -9.39 13.45 -10.21
N LYS A 167 -8.21 13.87 -9.78
CA LYS A 167 -7.79 13.74 -8.41
C LYS A 167 -7.62 15.11 -7.76
N SER A 168 -8.13 15.23 -6.54
CA SER A 168 -7.99 16.43 -5.75
C SER A 168 -7.44 15.99 -4.41
N ASN A 169 -6.74 16.88 -3.74
CA ASN A 169 -6.13 16.57 -2.46
C ASN A 169 -7.09 16.70 -1.30
N SER A 170 -6.97 15.81 -0.32
CA SER A 170 -7.80 15.91 0.87
C SER A 170 -7.17 15.32 2.08
N ALA A 171 -7.54 15.86 3.23
CA ALA A 171 -7.06 15.39 4.50
C ALA A 171 -8.26 15.27 5.41
N VAL A 172 -8.28 14.22 6.19
CA VAL A 172 -9.35 13.98 7.12
C VAL A 172 -8.81 14.07 8.57
N ALA A 173 -9.59 14.73 9.43
CA ALA A 173 -9.24 14.85 10.86
C ALA A 173 -10.47 14.47 11.69
N TRP A 174 -10.28 13.70 12.74
CA TRP A 174 -11.39 13.29 13.57
C TRP A 174 -11.02 13.15 15.01
N SER A 175 -12.03 13.22 15.86
CA SER A 175 -11.85 13.10 17.29
C SER A 175 -13.21 12.95 17.93
N ASN A 176 -13.23 12.49 19.18
CA ASN A 176 -14.47 12.32 19.93
C ASN A 176 -14.68 13.44 20.96
N LYS A 177 -13.75 14.40 20.99
CA LYS A 177 -13.80 15.51 21.93
C LYS A 177 -14.96 16.48 21.70
N SER A 178 -15.58 16.93 22.78
CA SER A 178 -16.66 17.89 22.69
C SER A 178 -16.15 19.23 22.13
N ASP A 179 -14.95 19.65 22.58
CA ASP A 179 -14.37 20.92 22.13
C ASP A 179 -13.69 20.82 20.74
N PHE A 180 -13.94 19.72 20.03
CA PHE A 180 -13.35 19.55 18.72
C PHE A 180 -14.24 20.16 17.65
N ALA A 181 -13.69 21.13 16.95
CA ALA A 181 -14.41 21.80 15.90
C ALA A 181 -13.53 21.86 14.67
N CYS A 182 -14.15 21.95 13.52
CA CYS A 182 -13.39 22.02 12.30
C CYS A 182 -12.63 23.36 12.21
N ALA A 183 -13.12 24.37 12.91
CA ALA A 183 -12.48 25.65 12.93
C ALA A 183 -11.02 25.56 13.42
N ASN A 184 -10.70 24.53 14.20
CA ASN A 184 -9.32 24.39 14.75
C ASN A 184 -8.64 23.06 14.41
N ALA A 185 -9.40 22.13 13.84
CA ALA A 185 -8.87 20.82 13.47
C ALA A 185 -7.44 20.88 12.86
N PHE A 186 -7.26 21.70 11.83
CA PHE A 186 -5.98 21.81 11.12
C PHE A 186 -5.16 23.03 11.54
N ASN A 187 -5.20 23.37 12.83
CA ASN A 187 -4.44 24.55 13.34
C ASN A 187 -2.94 24.39 13.35
N ASN A 188 -2.45 23.15 13.36
CA ASN A 188 -1.01 22.93 13.36
C ASN A 188 -0.45 22.82 11.93
N SER A 189 -1.33 22.91 10.95
CA SER A 189 -0.92 22.88 9.55
C SER A 189 -0.98 24.30 9.01
N ILE A 190 -0.13 24.58 8.01
CA ILE A 190 -0.11 25.88 7.37
C ILE A 190 -1.04 25.84 6.15
N ILE A 191 -2.24 26.39 6.29
CA ILE A 191 -3.21 26.35 5.21
C ILE A 191 -3.34 27.72 4.56
N PRO A 192 -3.71 27.73 3.28
CA PRO A 192 -3.82 28.97 2.54
C PRO A 192 -4.74 29.97 3.23
N GLU A 193 -4.35 31.23 3.22
CA GLU A 193 -5.13 32.27 3.83
C GLU A 193 -6.54 32.32 3.26
N ASP A 194 -6.68 31.98 1.97
CA ASP A 194 -7.98 32.00 1.28
C ASP A 194 -8.87 30.73 1.52
N THR A 195 -8.53 29.91 2.51
CA THR A 195 -9.32 28.71 2.78
C THR A 195 -10.74 29.06 3.18
N PHE A 196 -11.70 28.43 2.54
CA PHE A 196 -13.10 28.63 2.81
C PHE A 196 -13.54 27.90 4.09
N PHE A 197 -14.08 28.66 5.06
CA PHE A 197 -14.61 28.11 6.31
C PHE A 197 -16.06 28.47 6.43
N PRO A 198 -16.95 27.57 6.03
CA PRO A 198 -18.35 27.85 6.14
C PRO A 198 -18.74 27.96 7.63
N SER A 199 -19.69 28.81 7.94
CA SER A 199 -20.11 29.00 9.31
C SER A 199 -21.52 28.44 9.59
N PRO A 200 -21.58 27.28 10.35
CA PRO A 200 -22.90 26.67 10.73
C PRO A 200 -23.69 27.51 11.72
N SER B 1 1.26 -16.95 -22.58
CA SER B 1 2.16 -16.13 -21.71
C SER B 1 2.50 -16.86 -20.41
N GLN B 2 3.29 -16.21 -19.56
CA GLN B 2 3.66 -16.79 -18.27
C GLN B 2 3.22 -15.89 -17.11
N THR B 3 2.81 -16.53 -16.02
CA THR B 3 2.40 -15.83 -14.82
C THR B 3 2.82 -16.62 -13.60
N ILE B 4 2.63 -16.03 -12.44
CA ILE B 4 3.02 -16.60 -11.26
C ILE B 4 2.04 -16.24 -10.18
N HIS B 5 1.64 -17.21 -9.38
CA HIS B 5 0.70 -16.97 -8.31
C HIS B 5 1.19 -17.55 -6.97
N GLN B 6 0.95 -16.82 -5.88
CA GLN B 6 1.25 -17.31 -4.56
C GLN B 6 0.09 -17.06 -3.61
N TRP B 7 0.01 -17.90 -2.60
CA TRP B 7 -1.01 -17.80 -1.58
C TRP B 7 -0.56 -18.57 -0.35
N PRO B 8 -1.15 -18.28 0.82
CA PRO B 8 -2.17 -17.26 1.05
C PRO B 8 -1.62 -15.83 0.97
N ALA B 9 -2.46 -14.88 0.61
CA ALA B 9 -2.07 -13.44 0.47
C ALA B 9 -1.76 -12.82 1.80
N THR B 10 -2.56 -13.14 2.79
CA THR B 10 -2.35 -12.62 4.10
C THR B 10 -2.68 -13.63 5.19
N LEU B 11 -1.73 -13.85 6.10
CA LEU B 11 -1.90 -14.79 7.18
C LEU B 11 -1.68 -14.14 8.57
N VAL B 12 -2.53 -14.53 9.52
CA VAL B 12 -2.40 -14.10 10.90
C VAL B 12 -2.39 -15.38 11.73
N GLN B 13 -1.25 -15.69 12.34
CA GLN B 13 -1.12 -16.93 13.08
C GLN B 13 -0.39 -16.73 14.37
N PRO B 14 -0.59 -17.64 15.34
CA PRO B 14 0.10 -17.56 16.63
C PRO B 14 1.51 -18.17 16.59
N VAL B 15 2.38 -17.72 17.48
CA VAL B 15 3.74 -18.26 17.59
C VAL B 15 3.69 -19.77 17.82
N GLY B 16 4.66 -20.48 17.28
CA GLY B 16 4.72 -21.94 17.45
C GLY B 16 3.87 -22.71 16.43
N SER B 17 3.12 -21.99 15.60
CA SER B 17 2.27 -22.62 14.59
C SER B 17 3.07 -22.89 13.31
N PRO B 18 2.63 -23.88 12.52
CA PRO B 18 3.30 -24.20 11.26
C PRO B 18 2.98 -23.22 10.15
N LEU B 19 3.91 -23.07 9.21
CA LEU B 19 3.73 -22.18 8.07
C LEU B 19 3.83 -22.96 6.80
N SER B 20 3.02 -22.56 5.82
CA SER B 20 3.05 -23.16 4.49
C SER B 20 2.60 -22.16 3.42
N LEU B 21 3.55 -21.66 2.64
CA LEU B 21 3.25 -20.74 1.57
C LEU B 21 3.39 -21.44 0.24
N GLU B 22 2.46 -21.16 -0.68
CA GLU B 22 2.44 -21.82 -1.98
C GLU B 22 2.80 -20.86 -3.12
N CYS B 23 3.39 -21.40 -4.16
CA CYS B 23 3.72 -20.64 -5.31
C CYS B 23 3.74 -21.52 -6.55
N THR B 24 3.02 -21.10 -7.59
CA THR B 24 2.98 -21.84 -8.83
C THR B 24 3.26 -20.90 -9.99
N VAL B 25 3.94 -21.39 -11.02
CA VAL B 25 4.18 -20.60 -12.18
C VAL B 25 3.61 -21.33 -13.35
N GLU B 26 3.09 -20.60 -14.33
CA GLU B 26 2.52 -21.17 -15.55
C GLU B 26 3.20 -20.65 -16.82
N GLY B 27 3.18 -21.46 -17.89
CA GLY B 27 3.73 -21.04 -19.20
C GLY B 27 5.24 -21.25 -19.47
N THR B 28 5.91 -21.99 -18.64
CA THR B 28 7.30 -22.27 -18.86
C THR B 28 7.65 -23.58 -18.22
N SER B 29 8.79 -24.12 -18.57
CA SER B 29 9.24 -25.35 -18.01
C SER B 29 10.67 -25.19 -17.47
N ASN B 30 10.95 -25.88 -16.36
CA ASN B 30 12.28 -25.84 -15.75
C ASN B 30 12.71 -24.42 -15.35
N PRO B 31 11.82 -23.68 -14.74
CA PRO B 31 12.13 -22.34 -14.28
C PRO B 31 13.03 -22.27 -13.07
N ASN B 32 13.67 -21.13 -12.87
CA ASN B 32 14.38 -20.83 -11.64
C ASN B 32 13.31 -20.35 -10.70
N LEU B 33 13.37 -20.77 -9.45
CA LEU B 33 12.37 -20.39 -8.46
C LEU B 33 13.05 -19.72 -7.27
N TYR B 34 12.39 -18.71 -6.70
CA TYR B 34 12.98 -17.95 -5.61
C TYR B 34 11.99 -17.61 -4.56
N TRP B 35 12.43 -17.61 -3.30
CA TRP B 35 11.63 -17.11 -2.18
C TRP B 35 12.40 -15.99 -1.60
N TYR B 36 11.73 -14.84 -1.40
CA TYR B 36 12.34 -13.66 -0.75
C TYR B 36 11.50 -13.24 0.42
N ARG B 37 12.12 -12.49 1.31
CA ARG B 37 11.49 -11.94 2.44
C ARG B 37 11.83 -10.44 2.42
N GLN B 38 10.82 -9.58 2.66
CA GLN B 38 11.03 -8.12 2.61
C GLN B 38 10.53 -7.45 3.82
N ALA B 39 11.39 -6.67 4.46
CA ALA B 39 11.03 -5.90 5.63
C ALA B 39 10.54 -4.53 5.18
N ALA B 40 9.78 -3.85 6.05
CA ALA B 40 9.26 -2.54 5.73
C ALA B 40 10.41 -1.57 5.54
N GLY B 41 10.32 -0.77 4.48
CA GLY B 41 11.36 0.20 4.17
C GLY B 41 12.66 -0.44 3.69
N ARG B 42 12.61 -1.70 3.29
CA ARG B 42 13.81 -2.38 2.81
C ARG B 42 13.53 -3.18 1.57
N GLY B 43 14.58 -3.67 0.93
CA GLY B 43 14.44 -4.46 -0.28
C GLY B 43 14.32 -5.93 0.01
N PRO B 44 13.77 -6.68 -0.93
CA PRO B 44 13.63 -8.10 -0.78
C PRO B 44 14.97 -8.80 -0.58
N GLN B 45 15.02 -9.72 0.40
CA GLN B 45 16.24 -10.52 0.73
C GLN B 45 16.00 -11.90 0.27
N LEU B 46 16.99 -12.49 -0.33
CA LEU B 46 16.87 -13.83 -0.88
C LEU B 46 16.87 -14.89 0.21
N LEU B 47 15.87 -15.74 0.20
CA LEU B 47 15.81 -16.85 1.18
C LEU B 47 16.25 -18.15 0.47
N PHE B 48 15.63 -18.45 -0.68
CA PHE B 48 15.95 -19.64 -1.43
C PHE B 48 15.94 -19.41 -2.92
N TYR B 49 16.91 -20.02 -3.61
CA TYR B 49 17.04 -19.94 -5.05
C TYR B 49 17.33 -21.31 -5.60
N TRP B 50 16.32 -21.92 -6.23
CA TRP B 50 16.44 -23.27 -6.76
C TRP B 50 16.38 -23.28 -8.25
N GLY B 51 17.12 -24.18 -8.84
CA GLY B 51 17.14 -24.31 -10.26
C GLY B 51 17.66 -25.65 -10.71
N PRO B 52 17.95 -25.75 -11.99
CA PRO B 52 18.46 -26.98 -12.59
C PRO B 52 19.80 -27.44 -12.02
N PHE B 53 20.59 -26.50 -11.50
CA PHE B 53 21.93 -26.84 -10.98
C PHE B 53 22.02 -26.92 -9.46
N GLY B 54 20.90 -26.82 -8.79
CA GLY B 54 20.93 -26.94 -7.36
C GLY B 54 20.17 -25.91 -6.56
N GLN B 55 20.36 -25.99 -5.25
CA GLN B 55 19.74 -25.14 -4.33
C GLN B 55 20.76 -24.18 -3.78
N ILE B 56 20.42 -22.90 -3.84
CA ILE B 56 21.24 -21.87 -3.24
C ILE B 56 20.41 -21.32 -2.08
N SER B 57 21.06 -21.09 -0.96
CA SER B 57 20.39 -20.66 0.22
C SER B 57 21.02 -19.41 0.84
N SER B 58 20.21 -18.67 1.59
CA SER B 58 20.67 -17.47 2.28
C SER B 58 21.76 -17.80 3.28
N GLU B 59 22.83 -16.98 3.31
CA GLU B 59 23.95 -17.19 4.26
C GLU B 59 23.55 -16.98 5.73
N VAL B 60 22.44 -16.30 5.97
CA VAL B 60 21.97 -16.07 7.33
C VAL B 60 20.97 -17.18 7.74
N PRO B 61 21.19 -17.78 8.93
CA PRO B 61 20.33 -18.87 9.44
C PRO B 61 18.85 -18.52 9.40
N GLN B 62 18.05 -19.36 8.75
CA GLN B 62 16.63 -19.15 8.65
C GLN B 62 15.89 -20.22 9.44
N ASN B 63 14.63 -19.97 9.75
CA ASN B 63 13.76 -20.94 10.44
C ASN B 63 12.77 -21.51 9.42
N LEU B 64 13.21 -21.58 8.14
CA LEU B 64 12.34 -21.98 7.03
C LEU B 64 12.94 -23.02 6.12
N SER B 65 12.09 -23.70 5.38
CA SER B 65 12.58 -24.64 4.41
C SER B 65 11.75 -24.54 3.14
N ALA B 66 12.36 -24.92 2.04
CA ALA B 66 11.74 -24.89 0.76
C ALA B 66 11.54 -26.33 0.22
N SER B 67 10.55 -26.48 -0.65
CA SER B 67 10.32 -27.76 -1.31
C SER B 67 9.73 -27.49 -2.67
N ARG B 68 9.96 -28.44 -3.56
CA ARG B 68 9.52 -28.36 -4.96
C ARG B 68 9.01 -29.74 -5.34
N PRO B 69 7.72 -29.99 -5.14
CA PRO B 69 7.06 -31.25 -5.36
C PRO B 69 6.66 -31.52 -6.77
N GLN B 70 6.82 -30.53 -7.59
CA GLN B 70 6.37 -30.54 -8.94
C GLN B 70 7.20 -29.47 -9.67
N ASP B 71 7.33 -29.57 -10.99
CA ASP B 71 8.18 -28.59 -11.75
C ASP B 71 7.85 -27.17 -11.45
N ARG B 72 6.58 -26.85 -11.42
CA ARG B 72 6.18 -25.50 -11.27
C ARG B 72 5.52 -25.14 -9.95
N GLN B 73 5.86 -25.86 -8.88
CA GLN B 73 5.32 -25.55 -7.57
C GLN B 73 6.48 -25.37 -6.59
N PHE B 74 6.49 -24.24 -5.89
CA PHE B 74 7.51 -23.93 -4.93
C PHE B 74 6.81 -23.63 -3.60
N ILE B 75 7.28 -24.27 -2.53
CA ILE B 75 6.64 -24.13 -1.21
C ILE B 75 7.62 -23.66 -0.18
N LEU B 76 7.15 -22.76 0.69
CA LEU B 76 7.96 -22.24 1.81
C LEU B 76 7.27 -22.67 3.10
N SER B 77 8.02 -23.35 3.96
CA SER B 77 7.49 -23.93 5.18
C SER B 77 8.26 -23.60 6.46
N SER B 78 7.63 -23.97 7.57
CA SER B 78 8.22 -23.88 8.90
C SER B 78 7.44 -24.76 9.79
N LYS B 79 8.10 -25.55 10.60
CA LYS B 79 7.41 -26.42 11.51
C LYS B 79 6.89 -25.64 12.71
N LYS B 80 7.57 -24.54 13.05
CA LYS B 80 7.22 -23.81 14.26
C LYS B 80 7.65 -22.32 14.17
N LEU B 81 6.68 -21.44 13.89
CA LEU B 81 6.95 -20.01 13.70
C LEU B 81 7.46 -19.27 14.93
N LEU B 82 8.32 -18.28 14.68
CA LEU B 82 8.85 -17.40 15.71
C LEU B 82 8.28 -16.02 15.45
N LEU B 83 8.22 -15.18 16.47
CA LEU B 83 7.74 -13.80 16.32
C LEU B 83 8.55 -13.10 15.27
N SER B 84 9.83 -13.43 15.22
CA SER B 84 10.73 -12.81 14.28
C SER B 84 10.48 -13.22 12.83
N ASP B 85 9.55 -14.15 12.60
CA ASP B 85 9.25 -14.58 11.20
C ASP B 85 8.23 -13.65 10.48
N SER B 86 7.59 -12.74 11.21
CA SER B 86 6.63 -11.82 10.57
C SER B 86 7.28 -11.09 9.44
N GLY B 87 6.56 -10.96 8.33
CA GLY B 87 7.10 -10.23 7.20
C GLY B 87 6.35 -10.44 5.93
N PHE B 88 6.88 -9.90 4.87
CA PHE B 88 6.28 -9.98 3.58
C PHE B 88 7.11 -10.93 2.73
N TYR B 89 6.52 -12.09 2.38
CA TYR B 89 7.24 -13.15 1.61
C TYR B 89 6.90 -13.10 0.17
N LEU B 90 7.92 -13.23 -0.70
CA LEU B 90 7.74 -13.10 -2.13
C LEU B 90 8.30 -14.26 -2.89
N CYS B 91 7.53 -14.76 -3.85
CA CYS B 91 7.97 -15.81 -4.71
C CYS B 91 8.30 -15.19 -6.05
N ALA B 92 9.26 -15.73 -6.77
CA ALA B 92 9.62 -15.18 -8.09
C ALA B 92 10.13 -16.28 -9.01
N TRP B 93 10.26 -15.99 -10.31
CA TRP B 93 10.79 -16.97 -11.27
C TRP B 93 11.52 -16.29 -12.38
N SER B 94 12.36 -17.06 -13.08
CA SER B 94 13.08 -16.56 -14.23
C SER B 94 13.30 -17.70 -15.18
N GLU B 95 13.36 -17.38 -16.44
CA GLU B 95 13.49 -18.35 -17.49
C GLU B 95 14.88 -18.97 -17.53
N THR B 96 14.91 -20.29 -17.66
CA THR B 96 16.16 -21.02 -17.79
C THR B 96 16.40 -21.28 -19.24
N GLY B 97 15.34 -21.19 -20.04
CA GLY B 97 15.40 -21.44 -21.45
C GLY B 97 16.15 -20.37 -22.21
N LEU B 98 16.37 -20.62 -23.50
CA LEU B 98 17.08 -19.68 -24.33
C LEU B 98 16.52 -18.28 -24.11
N GLY B 99 17.41 -17.30 -24.09
CA GLY B 99 17.03 -15.91 -23.88
C GLY B 99 16.55 -15.64 -22.46
N MET B 100 16.44 -14.36 -22.13
CA MET B 100 15.99 -13.96 -20.82
C MET B 100 14.47 -14.25 -20.72
N GLY B 101 13.82 -13.75 -19.67
CA GLY B 101 12.39 -13.97 -19.47
C GLY B 101 12.04 -14.12 -18.01
N GLY B 102 10.81 -13.75 -17.67
CA GLY B 102 10.34 -13.81 -16.30
C GLY B 102 10.87 -12.68 -15.42
N TRP B 103 11.44 -13.05 -14.27
CA TRP B 103 11.93 -12.07 -13.26
C TRP B 103 10.72 -11.34 -12.70
N GLN B 104 9.61 -12.08 -12.56
CA GLN B 104 8.36 -11.53 -12.08
C GLN B 104 8.06 -12.12 -10.72
N PHE B 105 7.43 -11.32 -9.88
CA PHE B 105 7.04 -11.75 -8.58
C PHE B 105 5.58 -12.11 -8.49
N GLY B 106 5.25 -13.01 -7.56
CA GLY B 106 3.88 -13.31 -7.28
C GLY B 106 3.28 -12.10 -6.50
N GLU B 107 2.06 -12.24 -6.02
CA GLU B 107 1.38 -11.15 -5.32
C GLU B 107 1.89 -10.95 -3.89
N GLY B 108 2.66 -11.92 -3.38
CA GLY B 108 3.20 -11.79 -2.01
C GLY B 108 2.28 -12.39 -0.94
N SER B 109 2.87 -12.62 0.25
CA SER B 109 2.21 -13.17 1.41
C SER B 109 2.60 -12.35 2.64
N ARG B 110 1.59 -11.78 3.27
CA ARG B 110 1.77 -10.97 4.42
C ARG B 110 1.56 -11.82 5.62
N LEU B 111 2.64 -12.07 6.36
CA LEU B 111 2.55 -12.91 7.55
C LEU B 111 2.76 -12.13 8.82
N THR B 112 1.79 -12.20 9.71
CA THR B 112 1.88 -11.58 11.01
C THR B 112 1.83 -12.68 12.06
N VAL B 113 2.94 -12.87 12.78
CA VAL B 113 3.01 -13.88 13.85
C VAL B 113 2.76 -13.21 15.16
N LEU B 114 1.79 -13.72 15.90
CA LEU B 114 1.39 -13.10 17.18
C LEU B 114 1.72 -13.95 18.40
N GLU B 115 2.15 -13.28 19.45
CA GLU B 115 2.47 -13.94 20.70
C GLU B 115 1.18 -14.24 21.44
N ASP B 116 0.21 -13.33 21.33
CA ASP B 116 -1.05 -13.50 22.02
C ASP B 116 -2.21 -13.10 21.09
N LEU B 117 -3.12 -14.05 20.86
CA LEU B 117 -4.25 -13.83 19.95
C LEU B 117 -5.36 -12.98 20.54
N LYS B 118 -5.23 -12.56 21.78
CA LYS B 118 -6.29 -11.74 22.38
C LYS B 118 -6.06 -10.30 22.03
N ASN B 119 -4.94 -10.02 21.41
CA ASN B 119 -4.65 -8.66 20.96
C ASN B 119 -5.35 -8.34 19.64
N VAL B 120 -5.98 -9.35 19.01
CA VAL B 120 -6.62 -9.16 17.69
C VAL B 120 -8.01 -8.57 17.79
N PHE B 121 -8.24 -7.49 17.04
CA PHE B 121 -9.53 -6.79 17.00
C PHE B 121 -9.94 -6.46 15.59
N PRO B 122 -11.17 -6.79 15.23
CA PRO B 122 -11.68 -6.42 13.95
C PRO B 122 -12.00 -4.93 13.99
N PRO B 123 -12.19 -4.32 12.82
CA PRO B 123 -12.46 -2.90 12.77
C PRO B 123 -13.89 -2.50 13.00
N GLU B 124 -14.06 -1.30 13.55
CA GLU B 124 -15.35 -0.69 13.64
C GLU B 124 -15.38 0.18 12.39
N VAL B 125 -16.51 0.22 11.71
CA VAL B 125 -16.61 0.98 10.48
C VAL B 125 -17.80 1.96 10.51
N ALA B 126 -17.54 3.21 10.14
CA ALA B 126 -18.56 4.23 10.10
C ALA B 126 -18.44 5.12 8.85
N VAL B 127 -19.58 5.49 8.31
CA VAL B 127 -19.62 6.36 7.13
C VAL B 127 -20.20 7.68 7.52
N PHE B 128 -19.58 8.74 7.05
CA PHE B 128 -19.99 10.09 7.36
C PHE B 128 -20.50 10.79 6.12
N GLU B 129 -21.72 11.29 6.20
CA GLU B 129 -22.38 11.94 5.08
C GLU B 129 -21.79 13.30 4.74
N PRO B 130 -21.85 13.69 3.49
CA PRO B 130 -21.31 14.95 3.03
C PRO B 130 -21.86 16.18 3.70
N SER B 131 -21.04 17.19 3.75
CA SER B 131 -21.39 18.49 4.28
C SER B 131 -22.29 19.25 3.32
N GLU B 132 -23.32 19.88 3.84
CA GLU B 132 -24.16 20.71 2.99
C GLU B 132 -23.39 21.90 2.49
N ALA B 133 -22.41 22.37 3.27
CA ALA B 133 -21.61 23.51 2.84
C ALA B 133 -20.76 23.12 1.59
N GLU B 134 -20.32 21.86 1.53
CA GLU B 134 -19.54 21.41 0.38
C GLU B 134 -20.42 21.40 -0.82
N ILE B 135 -21.59 20.81 -0.65
CA ILE B 135 -22.58 20.75 -1.71
C ILE B 135 -22.89 22.10 -2.32
N SER B 136 -22.96 23.15 -1.49
CA SER B 136 -23.27 24.51 -1.99
C SER B 136 -22.10 25.16 -2.72
N HIS B 137 -20.97 25.11 -2.10
CA HIS B 137 -19.81 25.75 -2.61
C HIS B 137 -19.23 25.05 -3.90
N THR B 138 -19.50 23.78 -4.03
CA THR B 138 -18.86 22.97 -5.06
C THR B 138 -19.71 22.09 -5.95
N GLN B 139 -20.95 21.80 -5.54
CA GLN B 139 -21.79 20.89 -6.31
C GLN B 139 -21.26 19.48 -6.27
N LYS B 140 -20.36 19.20 -5.35
CA LYS B 140 -19.82 17.85 -5.15
C LYS B 140 -20.12 17.44 -3.71
N ALA B 141 -20.11 16.15 -3.45
CA ALA B 141 -20.41 15.61 -2.14
C ALA B 141 -19.41 14.52 -1.79
N THR B 142 -18.62 14.75 -0.75
CA THR B 142 -17.63 13.78 -0.34
C THR B 142 -18.08 13.01 0.87
N LEU B 143 -18.18 11.70 0.73
CA LEU B 143 -18.48 10.84 1.87
C LEU B 143 -17.15 10.36 2.44
N VAL B 144 -17.09 10.15 3.73
CA VAL B 144 -15.85 9.63 4.36
C VAL B 144 -16.16 8.35 5.13
N CYS B 145 -15.24 7.41 5.07
CA CYS B 145 -15.36 6.13 5.78
C CYS B 145 -14.19 6.01 6.67
N LEU B 146 -14.44 5.63 7.92
CA LEU B 146 -13.40 5.44 8.89
C LEU B 146 -13.46 4.02 9.43
N ALA B 147 -12.36 3.29 9.30
CA ALA B 147 -12.21 1.95 9.87
C ALA B 147 -11.27 2.13 11.00
N THR B 148 -11.74 1.90 12.22
CA THR B 148 -10.92 2.12 13.42
C THR B 148 -10.83 0.93 14.40
N GLY B 149 -9.81 0.96 15.25
CA GLY B 149 -9.60 -0.02 16.29
C GLY B 149 -9.22 -1.45 15.93
N PHE B 150 -8.68 -1.67 14.73
CA PHE B 150 -8.32 -3.05 14.34
C PHE B 150 -6.85 -3.40 14.59
N TYR B 151 -6.60 -4.71 14.64
CA TYR B 151 -5.27 -5.23 14.85
C TYR B 151 -5.31 -6.70 14.47
N PRO B 152 -4.35 -7.17 13.64
CA PRO B 152 -3.23 -6.48 13.03
C PRO B 152 -3.67 -5.41 12.05
N ASP B 153 -2.69 -4.86 11.32
CA ASP B 153 -2.93 -3.68 10.47
C ASP B 153 -3.37 -3.89 9.05
N HIS B 154 -3.88 -5.04 8.69
CA HIS B 154 -4.26 -5.20 7.32
C HIS B 154 -5.73 -5.47 7.05
N VAL B 155 -6.34 -4.51 6.34
CA VAL B 155 -7.71 -4.57 5.92
C VAL B 155 -7.79 -4.10 4.49
N GLU B 156 -8.87 -4.40 3.83
CA GLU B 156 -9.07 -3.96 2.45
C GLU B 156 -10.40 -3.28 2.39
N LEU B 157 -10.36 -2.01 2.04
CA LEU B 157 -11.56 -1.18 2.01
C LEU B 157 -12.01 -0.88 0.58
N SER B 158 -13.29 -1.08 0.33
CA SER B 158 -13.87 -0.83 -0.94
C SER B 158 -15.18 -0.12 -0.73
N TRP B 159 -15.64 0.61 -1.75
CA TRP B 159 -16.91 1.32 -1.70
C TRP B 159 -17.86 0.70 -2.70
N TRP B 160 -19.12 0.58 -2.31
CA TRP B 160 -20.15 0.00 -3.17
C TRP B 160 -21.33 0.97 -3.30
N VAL B 161 -21.80 1.14 -4.50
CA VAL B 161 -22.90 2.05 -4.79
C VAL B 161 -23.92 1.33 -5.61
N ASN B 162 -25.11 1.15 -5.05
CA ASN B 162 -26.20 0.49 -5.72
C ASN B 162 -25.83 -0.93 -6.24
N GLY B 163 -25.10 -1.69 -5.43
CA GLY B 163 -24.74 -3.07 -5.77
C GLY B 163 -23.46 -3.27 -6.61
N LYS B 164 -22.75 -2.18 -6.91
CA LYS B 164 -21.57 -2.25 -7.71
C LYS B 164 -20.45 -1.55 -7.06
N GLU B 165 -19.24 -2.15 -7.12
CA GLU B 165 -18.09 -1.52 -6.57
C GLU B 165 -17.69 -0.39 -7.44
N VAL B 166 -17.36 0.74 -6.82
CA VAL B 166 -16.90 1.90 -7.56
C VAL B 166 -15.43 2.21 -7.26
N HIS B 167 -14.78 2.83 -8.23
CA HIS B 167 -13.39 3.22 -8.14
C HIS B 167 -13.23 4.72 -8.41
N SER B 168 -14.06 5.27 -9.29
CA SER B 168 -13.99 6.69 -9.60
C SER B 168 -14.39 7.53 -8.41
N GLY B 169 -13.56 8.52 -8.08
CA GLY B 169 -13.84 9.41 -6.98
C GLY B 169 -13.43 8.83 -5.63
N VAL B 170 -12.70 7.69 -5.65
CA VAL B 170 -12.29 7.03 -4.44
C VAL B 170 -10.85 7.30 -4.14
N CYS B 171 -10.58 7.67 -2.89
CA CYS B 171 -9.23 7.92 -2.45
C CYS B 171 -9.11 7.27 -1.05
N THR B 172 -8.21 6.30 -0.93
CA THR B 172 -8.05 5.56 0.27
C THR B 172 -6.63 5.61 0.75
N ASP B 173 -6.44 5.75 2.07
CA ASP B 173 -5.12 5.78 2.65
C ASP B 173 -4.37 4.56 2.20
N PRO B 174 -3.11 4.73 1.79
CA PRO B 174 -2.30 3.57 1.33
C PRO B 174 -1.96 2.62 2.44
N GLN B 175 -1.93 3.10 3.66
CA GLN B 175 -1.68 2.23 4.82
C GLN B 175 -2.26 2.86 6.11
N PRO B 176 -2.58 2.01 7.10
CA PRO B 176 -3.21 2.49 8.34
C PRO B 176 -2.28 3.19 9.24
N LEU B 177 -2.82 4.06 10.04
CA LEU B 177 -2.04 4.78 10.97
C LEU B 177 -2.29 4.19 12.36
N LYS B 178 -1.29 4.32 13.24
CA LYS B 178 -1.40 3.84 14.62
C LYS B 178 -2.18 4.80 15.48
N GLU B 179 -3.25 4.31 16.12
CA GLU B 179 -4.04 5.12 17.03
C GLU B 179 -3.19 5.54 18.29
N GLN B 180 -2.18 4.72 18.63
CA GLN B 180 -1.23 4.99 19.76
C GLN B 180 0.21 4.88 19.28
N PRO B 181 0.73 5.95 18.69
CA PRO B 181 2.11 5.98 18.16
C PRO B 181 3.19 5.54 19.15
N ALA B 182 3.09 6.00 20.40
CA ALA B 182 4.10 5.68 21.44
C ALA B 182 3.97 4.26 22.03
N LEU B 183 2.87 3.59 21.72
CA LEU B 183 2.63 2.24 22.23
C LEU B 183 2.98 1.19 21.11
N ASN B 184 3.64 0.10 21.51
CA ASN B 184 4.10 -0.96 20.55
C ASN B 184 2.95 -1.72 19.86
N ASP B 185 2.10 -2.34 20.66
CA ASP B 185 0.97 -3.12 20.14
C ASP B 185 -0.34 -2.28 19.95
N SER B 186 -0.19 -1.11 19.34
CA SER B 186 -1.32 -0.20 19.09
C SER B 186 -2.28 -0.74 18.05
N ARG B 187 -3.56 -0.42 18.21
CA ARG B 187 -4.55 -0.79 17.25
C ARG B 187 -4.43 0.24 16.13
N TYR B 188 -5.12 0.02 15.01
CA TYR B 188 -4.99 0.90 13.84
C TYR B 188 -6.27 1.49 13.29
N ALA B 189 -6.10 2.47 12.42
CA ALA B 189 -7.21 3.15 11.78
C ALA B 189 -6.89 3.39 10.27
N LEU B 190 -7.93 3.47 9.46
CA LEU B 190 -7.79 3.72 8.01
C LEU B 190 -8.96 4.59 7.55
N SER B 191 -8.71 5.52 6.63
CA SER B 191 -9.78 6.41 6.12
C SER B 191 -9.87 6.38 4.58
N SER B 192 -11.03 6.67 4.08
CA SER B 192 -11.22 6.73 2.68
C SER B 192 -12.25 7.78 2.38
N ARG B 193 -12.24 8.30 1.13
CA ARG B 193 -13.24 9.25 0.67
C ARG B 193 -13.84 8.78 -0.68
N LEU B 194 -15.13 9.05 -0.84
CA LEU B 194 -15.86 8.79 -2.07
C LEU B 194 -16.54 10.11 -2.42
N ARG B 195 -16.18 10.67 -3.55
CA ARG B 195 -16.75 11.93 -3.95
C ARG B 195 -17.64 11.73 -5.14
N VAL B 196 -18.89 12.17 -5.02
CA VAL B 196 -19.85 12.06 -6.08
C VAL B 196 -20.50 13.43 -6.34
N SER B 197 -21.30 13.54 -7.39
CA SER B 197 -21.95 14.79 -7.69
C SER B 197 -23.07 15.05 -6.69
N ALA B 198 -23.30 16.30 -6.41
CA ALA B 198 -24.34 16.71 -5.52
C ALA B 198 -25.64 16.05 -5.94
N THR B 199 -25.92 16.10 -7.26
CA THR B 199 -27.15 15.57 -7.77
C THR B 199 -27.30 14.10 -7.49
N PHE B 200 -26.18 13.38 -7.43
CA PHE B 200 -26.25 11.94 -7.19
C PHE B 200 -26.49 11.68 -5.75
N TRP B 201 -25.83 12.43 -4.90
CA TRP B 201 -26.03 12.31 -3.46
C TRP B 201 -27.45 12.67 -3.05
N GLN B 202 -28.04 13.62 -3.72
CA GLN B 202 -29.39 14.13 -3.33
C GLN B 202 -30.56 13.24 -3.70
N ASP B 203 -30.30 12.10 -4.35
CA ASP B 203 -31.36 11.16 -4.67
C ASP B 203 -31.36 10.12 -3.55
N PRO B 204 -32.48 10.03 -2.81
CA PRO B 204 -32.54 9.14 -1.69
C PRO B 204 -32.55 7.67 -2.09
N ARG B 205 -32.77 7.39 -3.36
CA ARG B 205 -32.74 5.99 -3.85
C ARG B 205 -31.29 5.45 -3.92
N ASN B 206 -30.32 6.36 -3.96
CA ASN B 206 -28.92 5.94 -4.03
C ASN B 206 -28.37 5.44 -2.68
N HIS B 207 -27.84 4.22 -2.72
CA HIS B 207 -27.38 3.52 -1.54
C HIS B 207 -25.84 3.33 -1.59
N PHE B 208 -25.16 3.89 -0.58
CA PHE B 208 -23.69 3.84 -0.48
C PHE B 208 -23.26 2.94 0.64
N ARG B 209 -22.18 2.18 0.41
CA ARG B 209 -21.66 1.26 1.43
C ARG B 209 -20.13 1.22 1.45
N CYS B 210 -19.56 1.43 2.62
CA CYS B 210 -18.16 1.30 2.81
C CYS B 210 -17.93 -0.14 3.38
N GLN B 211 -17.13 -0.94 2.71
CA GLN B 211 -16.93 -2.35 3.10
C GLN B 211 -15.50 -2.61 3.36
N VAL B 212 -15.21 -3.22 4.52
CA VAL B 212 -13.84 -3.47 4.94
C VAL B 212 -13.60 -4.92 5.30
N GLN B 213 -12.74 -5.57 4.54
CA GLN B 213 -12.34 -6.94 4.78
C GLN B 213 -11.21 -6.95 5.76
N PHE B 214 -11.36 -7.71 6.83
CA PHE B 214 -10.36 -7.82 7.86
C PHE B 214 -9.88 -9.23 7.93
N TYR B 215 -8.58 -9.43 8.14
CA TYR B 215 -8.00 -10.78 8.24
C TYR B 215 -7.56 -10.98 9.62
N GLY B 216 -8.04 -12.05 10.25
CA GLY B 216 -7.71 -12.32 11.62
C GLY B 216 -7.57 -13.79 11.93
N LEU B 217 -8.33 -14.24 12.91
CA LEU B 217 -8.30 -15.60 13.33
C LEU B 217 -9.07 -16.50 12.38
N SER B 218 -8.66 -17.78 12.32
CA SER B 218 -9.35 -18.77 11.50
C SER B 218 -10.18 -19.63 12.42
N GLU B 219 -11.00 -20.52 11.85
CA GLU B 219 -11.89 -21.40 12.67
C GLU B 219 -11.15 -22.24 13.65
N ASN B 220 -10.02 -22.82 13.23
CA ASN B 220 -9.22 -23.70 14.11
C ASN B 220 -8.55 -23.01 15.31
N ASP B 221 -8.36 -21.70 15.26
CA ASP B 221 -7.75 -20.97 16.39
C ASP B 221 -8.69 -21.04 17.61
N GLU B 222 -8.11 -21.27 18.79
CA GLU B 222 -8.90 -21.35 20.00
C GLU B 222 -9.33 -19.97 20.44
N TRP B 223 -10.42 -19.90 21.20
CA TRP B 223 -10.93 -18.62 21.70
C TRP B 223 -11.95 -18.85 22.82
N THR B 224 -11.74 -18.18 23.95
CA THR B 224 -12.63 -18.32 25.11
C THR B 224 -13.18 -16.98 25.69
N GLN B 225 -12.76 -15.85 25.11
CA GLN B 225 -13.24 -14.53 25.57
C GLN B 225 -14.70 -14.38 25.24
N ASP B 226 -15.39 -13.50 25.97
CA ASP B 226 -16.83 -13.25 25.70
C ASP B 226 -17.04 -12.65 24.32
N ARG B 227 -16.28 -11.62 23.97
CA ARG B 227 -16.45 -10.97 22.68
C ARG B 227 -16.26 -11.96 21.55
N ALA B 228 -16.97 -11.71 20.44
CA ALA B 228 -16.94 -12.59 19.28
C ALA B 228 -15.53 -12.90 18.79
N LYS B 229 -15.27 -14.18 18.53
CA LYS B 229 -13.97 -14.59 18.02
C LYS B 229 -13.65 -13.59 16.88
N PRO B 230 -12.52 -12.85 16.99
CA PRO B 230 -12.14 -11.87 15.97
C PRO B 230 -11.62 -12.56 14.69
N VAL B 231 -12.52 -13.29 14.03
CA VAL B 231 -12.17 -14.01 12.85
C VAL B 231 -12.14 -13.13 11.65
N THR B 232 -11.51 -13.65 10.59
CA THR B 232 -11.48 -12.96 9.30
C THR B 232 -12.91 -12.66 8.95
N GLN B 233 -13.22 -11.39 8.72
CA GLN B 233 -14.60 -11.00 8.42
C GLN B 233 -14.72 -9.67 7.68
N ILE B 234 -15.93 -9.39 7.23
CA ILE B 234 -16.24 -8.17 6.59
C ILE B 234 -17.09 -7.31 7.53
N VAL B 235 -16.68 -6.07 7.71
CA VAL B 235 -17.41 -5.13 8.51
C VAL B 235 -17.71 -3.92 7.60
N SER B 236 -18.94 -3.44 7.62
CA SER B 236 -19.31 -2.35 6.75
C SER B 236 -20.27 -1.40 7.38
N ALA B 237 -20.41 -0.23 6.75
CA ALA B 237 -21.35 0.81 7.19
C ALA B 237 -21.95 1.39 5.93
N GLU B 238 -23.16 1.92 6.04
CA GLU B 238 -23.85 2.41 4.87
C GLU B 238 -24.58 3.75 5.07
N ALA B 239 -24.98 4.35 3.96
CA ALA B 239 -25.69 5.62 3.95
C ALA B 239 -26.54 5.70 2.70
N TRP B 240 -27.64 6.43 2.80
CA TRP B 240 -28.51 6.66 1.68
C TRP B 240 -28.50 8.15 1.37
N GLY B 241 -28.63 8.51 0.10
CA GLY B 241 -28.67 9.93 -0.27
C GLY B 241 -29.83 10.70 0.44
N ARG B 242 -29.81 12.00 0.34
CA ARG B 242 -30.89 12.80 0.94
C ARG B 242 -31.15 14.07 0.16
N ALA B 243 -32.43 14.36 -0.05
CA ALA B 243 -32.85 15.51 -0.85
C ALA B 243 -32.51 16.83 -0.23
N ASP B 244 -32.87 17.03 1.04
CA ASP B 244 -32.64 18.34 1.75
C ASP B 244 -32.86 19.57 0.81
#